data_2BE1
#
_entry.id   2BE1
#
_cell.length_a   103.300
_cell.length_b   103.300
_cell.length_c   401.400
_cell.angle_alpha   90.00
_cell.angle_beta   90.00
_cell.angle_gamma   120.00
#
_symmetry.space_group_name_H-M   'P 65 2 2'
#
loop_
_entity.id
_entity.type
_entity.pdbx_description
1 polymer 'Serine/threonine-protein kinase/endoribonuclease IRE1'
2 polymer peptide
3 water water
#
loop_
_entity_poly.entity_id
_entity_poly.type
_entity_poly.pdbx_seq_one_letter_code
_entity_poly.pdbx_strand_id
1 'polypeptide(L)'
;NRSLNELSLSDILIAADVEGGLHAVDRRNGHIIWSIEPENFQPLIEIQEPSRLETYETLIIEPFGDGNIYYFNAHQGLQK
LPLSIRQLVSTSPLHLKTNIVVNDSGKIVEDEKVYTGSMRTIMYTINMLNGEIISAFGPGSKNGYFGSQSVDCSPEEKIK
LQECENMIVIGKTIFELGIHSYDGASYNVTYSTWQQNVLDVPLALQNTFSKDGMCIAPFRDKSLLASDLDFRIARWVSPT
FPGIIVGLFDVFNDLRTNENILVPHPFNPGDHESISSNKVYLDQTSNLSWFALSSQNFPSLVESAPISRYASSDRWRVSS
IFEDETLFKNAIMGVHQIY
;
A,B
2 'polypeptide(L)' VVVVVVVV D
#
# COMPACT_ATOMS: atom_id res chain seq x y z
N ASN A 1 19.96 7.47 19.51
CA ASN A 1 19.17 6.90 18.38
C ASN A 1 19.93 6.87 16.99
N ARG A 2 21.23 7.21 16.97
CA ARG A 2 22.02 7.27 15.69
C ARG A 2 22.95 6.06 15.49
N SER A 3 23.59 5.62 16.57
CA SER A 3 24.41 4.42 16.51
C SER A 3 24.02 3.47 17.63
N LEU A 4 23.49 2.31 17.23
CA LEU A 4 22.93 1.33 18.16
C LEU A 4 23.94 1.10 19.23
N ASN A 5 25.18 1.32 18.83
CA ASN A 5 26.27 1.14 19.71
C ASN A 5 26.05 1.72 21.11
N GLU A 6 26.02 3.05 21.23
CA GLU A 6 25.47 3.64 22.45
C GLU A 6 23.98 3.28 22.56
N LEU A 7 23.54 2.81 23.73
CA LEU A 7 22.13 2.48 24.04
C LEU A 7 22.12 1.25 24.94
N SER A 8 21.48 1.30 26.13
CA SER A 8 21.34 0.07 26.96
C SER A 8 20.53 -0.96 26.24
N LEU A 9 20.94 -2.20 26.30
CA LEU A 9 20.06 -3.21 25.88
C LEU A 9 19.18 -3.45 27.10
N SER A 10 17.91 -3.21 26.94
CA SER A 10 16.97 -3.45 28.00
C SER A 10 16.85 -4.93 28.30
N ASP A 11 16.28 -5.23 29.45
CA ASP A 11 16.01 -6.59 29.81
C ASP A 11 14.69 -7.09 29.29
N ILE A 12 13.89 -6.17 28.79
CA ILE A 12 12.64 -6.54 28.21
C ILE A 12 12.89 -6.96 26.78
N LEU A 13 12.06 -7.89 26.33
CA LEU A 13 12.13 -8.42 24.99
C LEU A 13 10.68 -8.52 24.65
N ILE A 14 10.39 -8.35 23.38
CA ILE A 14 9.03 -8.38 22.97
C ILE A 14 8.75 -9.40 21.91
N ALA A 15 7.73 -10.22 22.25
CA ALA A 15 7.34 -11.35 21.48
C ALA A 15 6.00 -11.13 20.95
N ALA A 16 5.86 -11.52 19.68
CA ALA A 16 4.58 -11.73 18.96
C ALA A 16 4.26 -13.23 18.71
N ASP A 17 3.08 -13.69 19.12
CA ASP A 17 2.60 -15.08 18.81
C ASP A 17 1.77 -15.11 17.51
N VAL A 18 1.68 -16.28 16.88
CA VAL A 18 0.97 -16.42 15.59
C VAL A 18 -0.54 -16.25 15.69
N GLU A 19 -1.09 -16.21 16.92
CA GLU A 19 -2.48 -15.73 17.09
C GLU A 19 -2.63 -14.21 17.13
N GLY A 20 -1.51 -13.48 17.14
CA GLY A 20 -1.58 -12.05 17.06
C GLY A 20 -1.57 -11.33 18.41
N GLY A 21 -1.21 -12.05 19.45
CA GLY A 21 -0.93 -11.39 20.69
C GLY A 21 0.52 -10.93 20.86
N LEU A 22 0.69 -10.14 21.89
CA LEU A 22 1.93 -9.51 22.16
C LEU A 22 2.27 -9.79 23.58
N HIS A 23 3.53 -10.11 23.83
CA HIS A 23 3.96 -10.24 25.19
C HIS A 23 5.33 -9.58 25.37
N ALA A 24 5.59 -9.17 26.62
CA ALA A 24 6.93 -8.74 27.04
C ALA A 24 7.49 -9.84 27.90
N VAL A 25 8.52 -10.51 27.36
CA VAL A 25 9.23 -11.58 28.08
C VAL A 25 10.56 -11.01 28.62
N ASP A 26 10.93 -11.45 29.84
CA ASP A 26 12.16 -11.03 30.50
C ASP A 26 13.34 -11.78 29.95
N ARG A 27 14.14 -11.08 29.17
CA ARG A 27 15.40 -11.57 28.63
C ARG A 27 16.29 -12.43 29.54
N ARG A 28 16.08 -12.36 30.84
CA ARG A 28 17.04 -13.05 31.67
C ARG A 28 16.70 -14.44 32.02
N ASN A 29 15.45 -14.80 31.83
CA ASN A 29 14.99 -16.09 32.23
C ASN A 29 13.87 -16.61 31.34
N GLY A 30 13.31 -15.73 30.50
CA GLY A 30 12.14 -16.09 29.67
C GLY A 30 10.81 -16.06 30.41
N HIS A 31 10.79 -15.33 31.52
CA HIS A 31 9.61 -15.03 32.27
C HIS A 31 8.65 -14.15 31.46
N ILE A 32 7.36 -14.49 31.52
CA ILE A 32 6.35 -13.75 30.79
C ILE A 32 5.85 -12.54 31.60
N ILE A 33 6.55 -11.43 31.51
CA ILE A 33 6.13 -10.22 32.24
C ILE A 33 4.66 -9.73 32.00
N TRP A 34 4.09 -9.89 30.80
CA TRP A 34 2.68 -9.53 30.56
C TRP A 34 2.34 -9.93 29.15
N SER A 35 1.09 -10.37 28.94
CA SER A 35 0.59 -10.65 27.58
C SER A 35 -0.64 -9.81 27.31
N ILE A 36 -0.89 -9.51 26.05
CA ILE A 36 -2.07 -8.81 25.62
C ILE A 36 -2.78 -9.75 24.70
N GLU A 37 -4.09 -9.86 24.85
CA GLU A 37 -4.89 -10.73 23.99
C GLU A 37 -5.12 -10.22 22.54
N PRO A 38 -5.32 -11.14 21.57
CA PRO A 38 -5.34 -10.67 20.20
C PRO A 38 -6.65 -10.00 19.73
N GLU A 39 -7.71 -10.05 20.56
CA GLU A 39 -8.97 -9.27 20.39
C GLU A 39 -8.58 -7.85 20.24
N ASN A 40 -7.56 -7.46 20.98
CA ASN A 40 -7.03 -6.11 20.91
C ASN A 40 -6.42 -5.72 19.59
N PHE A 41 -5.92 -6.69 18.82
CA PHE A 41 -5.32 -6.37 17.54
C PHE A 41 -6.08 -7.10 16.45
N GLN A 42 -5.34 -7.83 15.63
CA GLN A 42 -5.89 -8.60 14.50
C GLN A 42 -5.12 -9.90 14.44
N PRO A 43 -5.83 -11.01 14.13
CA PRO A 43 -5.32 -12.30 13.62
C PRO A 43 -4.18 -12.05 12.62
N LEU A 44 -3.07 -12.79 12.76
CA LEU A 44 -1.88 -12.53 11.91
C LEU A 44 -2.08 -13.04 10.53
N ILE A 45 -2.68 -14.20 10.42
CA ILE A 45 -3.02 -14.71 9.13
C ILE A 45 -4.43 -15.32 9.14
N GLU A 46 -5.20 -14.99 8.11
CA GLU A 46 -6.51 -15.49 8.00
C GLU A 46 -6.79 -15.61 6.53
N ILE A 47 -6.56 -16.84 6.05
CA ILE A 47 -6.79 -17.29 4.70
C ILE A 47 -8.18 -17.84 4.57
N GLN A 48 -8.83 -17.43 3.51
CA GLN A 48 -10.19 -17.85 3.19
C GLN A 48 -10.34 -18.30 1.73
N GLU A 49 -10.36 -19.63 1.52
CA GLU A 49 -10.16 -20.22 0.20
C GLU A 49 -11.44 -20.93 -0.25
N PRO A 50 -11.42 -21.55 -1.47
CA PRO A 50 -12.68 -22.09 -2.00
C PRO A 50 -13.04 -23.51 -1.48
N SER A 51 -12.08 -24.35 -1.08
CA SER A 51 -12.47 -25.56 -0.31
C SER A 51 -11.55 -26.76 -0.37
N ARG A 52 -10.92 -27.03 0.78
CA ARG A 52 -9.84 -28.02 0.94
C ARG A 52 -10.25 -29.46 0.79
N LEU A 53 -11.57 -29.67 0.86
CA LEU A 53 -12.18 -31.03 0.92
C LEU A 53 -12.67 -31.50 -0.46
N GLU A 54 -13.23 -30.59 -1.25
CA GLU A 54 -13.54 -30.90 -2.64
C GLU A 54 -12.19 -31.01 -3.42
N THR A 55 -11.48 -29.88 -3.60
CA THR A 55 -10.10 -29.90 -4.15
C THR A 55 -9.07 -30.20 -3.06
N TYR A 56 -8.11 -31.09 -3.30
CA TYR A 56 -7.20 -31.48 -2.16
C TYR A 56 -6.03 -30.53 -1.94
N GLU A 57 -6.35 -29.23 -1.90
CA GLU A 57 -5.39 -28.15 -1.88
C GLU A 57 -5.74 -27.18 -0.85
N THR A 58 -4.72 -26.47 -0.37
CA THR A 58 -4.91 -25.47 0.60
C THR A 58 -3.86 -24.37 0.47
N LEU A 59 -4.26 -23.14 0.76
CA LEU A 59 -3.35 -22.00 0.69
C LEU A 59 -2.69 -21.80 2.01
N ILE A 60 -1.38 -21.54 1.99
CA ILE A 60 -0.61 -21.48 3.22
C ILE A 60 0.38 -20.38 3.12
N ILE A 61 0.38 -19.46 4.10
CA ILE A 61 1.46 -18.41 4.14
C ILE A 61 2.37 -18.45 5.37
N GLU A 62 3.61 -18.05 5.16
CA GLU A 62 4.50 -18.02 6.29
C GLU A 62 4.28 -16.62 6.91
N PRO A 63 3.87 -16.59 8.19
CA PRO A 63 3.50 -15.32 8.77
C PRO A 63 4.78 -14.66 9.15
N PHE A 64 5.49 -14.09 8.21
CA PHE A 64 6.76 -13.55 8.63
C PHE A 64 7.32 -12.76 7.49
N GLY A 65 7.95 -11.66 7.82
CA GLY A 65 8.42 -10.82 6.78
C GLY A 65 7.35 -10.40 5.79
N ASP A 66 7.71 -10.52 4.51
CA ASP A 66 6.84 -10.19 3.42
C ASP A 66 5.60 -11.04 3.40
N GLY A 67 5.55 -12.00 4.31
CA GLY A 67 4.54 -13.05 4.30
C GLY A 67 4.61 -13.93 3.05
N ASN A 68 5.55 -14.89 3.07
CA ASN A 68 5.69 -15.76 1.93
C ASN A 68 4.60 -16.80 1.63
N ILE A 69 4.35 -17.09 0.37
CA ILE A 69 3.27 -17.98 0.01
C ILE A 69 3.72 -19.37 -0.36
N TYR A 70 3.16 -20.35 0.36
CA TYR A 70 3.28 -21.77 0.08
C TYR A 70 1.96 -22.45 -0.26
N TYR A 71 2.02 -23.68 -0.65
CA TYR A 71 0.80 -24.25 -1.15
C TYR A 71 0.85 -25.79 -1.21
N PHE A 72 -0.24 -26.42 -0.77
CA PHE A 72 -0.21 -27.87 -0.64
C PHE A 72 -1.37 -28.46 -1.32
N ASN A 73 -1.02 -29.38 -2.19
CA ASN A 73 -1.96 -30.23 -2.88
C ASN A 73 -1.59 -31.69 -2.65
N ALA A 74 -2.60 -32.50 -2.33
CA ALA A 74 -2.45 -33.92 -1.95
C ALA A 74 -1.79 -34.73 -3.05
N HIS A 75 -1.94 -34.27 -4.29
CA HIS A 75 -1.21 -34.78 -5.42
C HIS A 75 0.29 -34.41 -5.49
N GLN A 76 0.69 -33.19 -5.16
CA GLN A 76 2.15 -32.99 -5.15
C GLN A 76 2.72 -32.38 -3.91
N GLY A 77 2.22 -32.81 -2.77
CA GLY A 77 2.65 -32.25 -1.51
C GLY A 77 2.73 -30.76 -1.50
N LEU A 78 3.67 -30.28 -0.69
CA LEU A 78 3.82 -28.88 -0.36
C LEU A 78 4.76 -28.23 -1.34
N GLN A 79 4.34 -27.08 -1.85
CA GLN A 79 5.20 -26.27 -2.70
C GLN A 79 5.42 -24.83 -2.26
N LYS A 80 6.56 -24.28 -2.65
CA LYS A 80 6.81 -22.90 -2.34
C LYS A 80 6.56 -22.07 -3.57
N LEU A 81 5.62 -21.13 -3.50
CA LEU A 81 5.46 -20.26 -4.61
C LEU A 81 6.51 -19.18 -4.52
N PRO A 82 6.92 -18.67 -5.71
CA PRO A 82 7.89 -17.57 -5.82
C PRO A 82 7.23 -16.22 -5.62
N LEU A 83 6.38 -16.09 -4.62
CA LEU A 83 5.53 -14.91 -4.46
C LEU A 83 5.40 -14.65 -2.99
N SER A 84 5.10 -13.41 -2.65
CA SER A 84 5.07 -12.96 -1.29
C SER A 84 3.78 -12.23 -1.18
N ILE A 85 3.19 -12.22 -0.02
CA ILE A 85 2.01 -11.44 0.02
C ILE A 85 2.20 -9.96 -0.15
N ARG A 86 3.16 -9.32 0.51
CA ARG A 86 3.46 -7.91 0.27
C ARG A 86 3.54 -7.77 -1.23
N GLN A 87 4.45 -8.52 -1.82
CA GLN A 87 4.73 -8.45 -3.22
C GLN A 87 3.50 -8.60 -4.07
N LEU A 88 2.60 -9.50 -3.73
CA LEU A 88 1.38 -9.56 -4.52
C LEU A 88 0.50 -8.30 -4.45
N VAL A 89 0.05 -7.94 -3.26
CA VAL A 89 -0.64 -6.71 -3.01
C VAL A 89 0.03 -5.57 -3.74
N SER A 90 1.37 -5.53 -3.74
CA SER A 90 2.10 -4.41 -4.36
C SER A 90 2.14 -4.53 -5.84
N THR A 91 1.38 -5.42 -6.44
CA THR A 91 1.32 -5.37 -7.87
C THR A 91 -0.11 -5.55 -8.31
N SER A 92 -1.04 -4.96 -7.54
CA SER A 92 -2.45 -4.82 -7.94
C SER A 92 -2.68 -3.50 -8.62
N PRO A 93 -3.85 -3.32 -9.20
CA PRO A 93 -4.76 -4.40 -9.44
C PRO A 93 -4.27 -5.03 -10.67
N LEU A 94 -4.29 -6.35 -10.67
CA LEU A 94 -3.87 -7.14 -11.79
C LEU A 94 -5.06 -7.91 -12.27
N HIS A 95 -5.31 -7.82 -13.56
CA HIS A 95 -6.35 -8.59 -14.18
C HIS A 95 -5.65 -9.47 -15.17
N LEU A 96 -5.94 -10.76 -15.14
CA LEU A 96 -5.26 -11.69 -16.02
C LEU A 96 -6.24 -12.65 -16.62
N LYS A 97 -6.30 -12.67 -17.95
CA LYS A 97 -7.24 -13.53 -18.66
C LYS A 97 -6.57 -14.70 -19.39
N THR A 98 -6.16 -15.73 -18.64
CA THR A 98 -5.37 -16.88 -19.16
C THR A 98 -6.00 -17.66 -20.33
N ASN A 99 -5.16 -18.04 -21.31
CA ASN A 99 -5.62 -18.60 -22.58
C ASN A 99 -4.51 -19.29 -23.37
N GLU A 110 -10.11 -21.66 -20.99
CA GLU A 110 -9.19 -21.05 -20.00
C GLU A 110 -9.87 -19.97 -19.08
N ASP A 111 -9.27 -19.67 -17.92
CA ASP A 111 -9.92 -18.78 -16.93
C ASP A 111 -9.20 -17.46 -16.59
N GLU A 112 -10.00 -16.46 -16.18
CA GLU A 112 -9.48 -15.19 -15.69
C GLU A 112 -9.69 -14.85 -14.18
N LYS A 113 -8.61 -14.42 -13.53
CA LYS A 113 -8.61 -13.83 -12.19
C LYS A 113 -8.38 -12.28 -12.20
N VAL A 114 -8.75 -11.64 -11.10
CA VAL A 114 -8.41 -10.24 -10.83
C VAL A 114 -7.94 -10.02 -9.38
N TYR A 115 -6.74 -9.45 -9.21
CA TYR A 115 -6.10 -9.33 -7.89
C TYR A 115 -6.19 -7.92 -7.39
N THR A 116 -7.00 -7.72 -6.38
CA THR A 116 -7.12 -6.42 -5.77
C THR A 116 -6.49 -6.50 -4.40
N GLY A 117 -5.77 -5.44 -4.07
CA GLY A 117 -5.05 -5.43 -2.79
C GLY A 117 -5.50 -4.43 -1.74
N SER A 118 -4.65 -4.24 -0.71
CA SER A 118 -4.94 -3.34 0.35
C SER A 118 -3.90 -3.55 1.39
N MET A 119 -3.32 -2.44 1.81
CA MET A 119 -2.29 -2.51 2.80
C MET A 119 -2.45 -1.38 3.79
N ARG A 120 -2.49 -1.64 5.09
CA ARG A 120 -2.63 -0.53 6.07
C ARG A 120 -1.50 -0.46 7.06
N THR A 121 -1.33 0.73 7.58
CA THR A 121 -0.35 0.91 8.61
C THR A 121 -1.07 1.32 9.92
N ILE A 122 -0.52 0.86 11.07
CA ILE A 122 -0.94 1.26 12.43
C ILE A 122 0.23 1.47 13.45
N MET A 123 0.05 2.35 14.43
CA MET A 123 1.02 2.48 15.51
C MET A 123 0.34 2.41 16.86
N TYR A 124 0.92 1.68 17.81
CA TYR A 124 0.40 1.61 19.18
C TYR A 124 1.49 2.06 20.09
N THR A 125 1.11 2.75 21.16
CA THR A 125 2.04 2.97 22.28
C THR A 125 1.49 2.23 23.49
N ILE A 126 2.37 1.45 24.10
CA ILE A 126 1.96 0.50 25.08
C ILE A 126 2.89 0.74 26.22
N ASN A 127 2.37 0.64 27.43
CA ASN A 127 3.19 0.79 28.61
C ASN A 127 3.96 -0.44 28.88
N MET A 128 5.29 -0.38 28.86
CA MET A 128 6.05 -1.64 29.02
C MET A 128 5.84 -2.31 30.35
N LEU A 129 6.17 -1.58 31.42
CA LEU A 129 5.94 -2.00 32.80
C LEU A 129 4.73 -2.92 32.85
N ASN A 130 3.63 -2.48 32.29
CA ASN A 130 2.36 -3.14 32.47
C ASN A 130 1.83 -3.94 31.23
N GLY A 131 1.86 -3.35 30.04
CA GLY A 131 1.20 -3.97 28.89
C GLY A 131 -0.13 -3.31 28.47
N GLU A 132 -0.48 -2.20 29.13
CA GLU A 132 -1.72 -1.54 28.80
C GLU A 132 -1.38 -0.73 27.61
N ILE A 133 -2.34 -0.67 26.69
CA ILE A 133 -2.25 0.12 25.47
C ILE A 133 -2.60 1.55 25.81
N ILE A 134 -1.62 2.43 25.72
CA ILE A 134 -1.85 3.83 26.04
C ILE A 134 -2.60 4.56 24.94
N SER A 135 -2.15 4.43 23.70
CA SER A 135 -2.82 5.07 22.56
C SER A 135 -2.57 4.29 21.26
N ALA A 136 -3.59 4.26 20.41
CA ALA A 136 -3.55 3.51 19.18
C ALA A 136 -3.73 4.49 18.08
N PHE A 137 -2.93 4.38 17.02
CA PHE A 137 -3.06 5.27 15.89
C PHE A 137 -3.20 4.64 14.56
N GLY A 138 -3.79 5.37 13.64
CA GLY A 138 -3.89 4.94 12.26
C GLY A 138 -5.21 4.25 12.05
N PRO A 139 -5.70 4.17 10.76
CA PRO A 139 -6.85 3.42 10.27
C PRO A 139 -7.27 2.25 11.15
N GLY A 140 -7.20 2.48 12.48
CA GLY A 140 -7.30 1.48 13.59
C GLY A 140 -8.19 1.94 14.74
N SER A 141 -7.72 2.89 15.57
CA SER A 141 -8.62 3.62 16.52
C SER A 141 -7.97 4.75 17.33
N LYS A 142 -8.00 5.97 16.79
CA LYS A 142 -7.03 7.01 17.21
C LYS A 142 -7.21 7.62 18.61
N ASN A 143 -6.62 6.96 19.64
CA ASN A 143 -6.62 7.41 21.07
C ASN A 143 -5.53 8.49 21.40
N GLY A 144 -5.38 8.86 22.69
CA GLY A 144 -4.43 9.88 23.14
C GLY A 144 -4.02 9.65 24.57
N GLU A 165 7.05 8.18 29.47
CA GLU A 165 7.46 7.56 30.74
C GLU A 165 8.43 6.40 30.48
N ASN A 166 7.98 5.19 30.75
CA ASN A 166 8.67 4.00 30.28
C ASN A 166 7.63 3.25 29.45
N MET A 167 7.39 3.76 28.25
CA MET A 167 6.60 3.06 27.28
C MET A 167 7.29 3.00 25.95
N ILE A 168 6.68 2.23 25.08
CA ILE A 168 7.33 1.81 23.87
C ILE A 168 6.31 1.99 22.80
N VAL A 169 6.75 2.40 21.60
CA VAL A 169 5.80 2.53 20.49
C VAL A 169 6.13 1.53 19.39
N ILE A 170 5.14 0.79 18.91
CA ILE A 170 5.37 -0.32 18.02
C ILE A 170 4.42 -0.23 16.84
N GLY A 171 4.95 -0.36 15.63
CA GLY A 171 4.11 -0.38 14.44
C GLY A 171 3.68 -1.79 14.00
N LYS A 172 2.76 -1.82 13.04
CA LYS A 172 2.19 -3.06 12.57
C LYS A 172 1.53 -2.79 11.24
N THR A 173 2.06 -3.37 10.16
CA THR A 173 1.47 -3.25 8.83
C THR A 173 0.47 -4.43 8.57
N ILE A 174 -0.62 -4.17 7.87
CA ILE A 174 -1.61 -5.21 7.65
C ILE A 174 -2.07 -5.29 6.21
N PHE A 175 -1.64 -6.35 5.56
CA PHE A 175 -1.95 -6.57 4.17
C PHE A 175 -3.26 -7.31 4.02
N GLU A 176 -3.80 -7.26 2.79
CA GLU A 176 -5.02 -7.97 2.50
C GLU A 176 -5.16 -8.11 1.04
N LEU A 177 -4.93 -9.31 0.56
CA LEU A 177 -5.00 -9.62 -0.87
C LEU A 177 -6.33 -10.32 -1.12
N GLY A 178 -6.99 -9.98 -2.21
CA GLY A 178 -8.28 -10.53 -2.49
C GLY A 178 -8.17 -11.01 -3.89
N ILE A 179 -8.25 -12.31 -4.14
CA ILE A 179 -8.27 -12.76 -5.52
C ILE A 179 -9.63 -13.30 -5.98
N HIS A 180 -10.12 -12.75 -7.11
CA HIS A 180 -11.49 -12.94 -7.62
C HIS A 180 -11.59 -13.57 -8.97
N SER A 181 -11.71 -14.89 -8.94
CA SER A 181 -11.70 -15.69 -10.12
C SER A 181 -13.15 -15.87 -10.54
N TYR A 182 -13.40 -15.77 -11.83
CA TYR A 182 -14.77 -15.69 -12.35
C TYR A 182 -15.49 -17.00 -12.48
N ASP A 183 -14.72 -18.09 -12.61
CA ASP A 183 -15.27 -19.40 -12.48
C ASP A 183 -15.84 -19.53 -11.06
N GLY A 184 -15.32 -18.77 -10.10
CA GLY A 184 -15.83 -18.80 -8.74
C GLY A 184 -14.83 -19.16 -7.65
N ALA A 185 -13.73 -19.86 -8.03
CA ALA A 185 -12.56 -20.25 -7.14
C ALA A 185 -11.92 -19.07 -6.38
N SER A 186 -12.78 -18.35 -5.65
CA SER A 186 -12.54 -17.09 -4.92
C SER A 186 -11.69 -17.21 -3.62
N TYR A 187 -10.47 -16.69 -3.63
CA TYR A 187 -9.70 -16.55 -2.41
C TYR A 187 -9.85 -15.21 -1.70
N ASN A 188 -9.29 -15.17 -0.48
CA ASN A 188 -9.28 -13.94 0.32
C ASN A 188 -8.43 -13.88 1.55
N VAL A 189 -7.13 -13.93 1.37
CA VAL A 189 -6.21 -13.87 2.50
C VAL A 189 -6.06 -12.46 3.11
N THR A 190 -5.81 -12.38 4.41
CA THR A 190 -5.40 -11.14 5.09
C THR A 190 -4.19 -11.50 5.99
N TYR A 191 -3.13 -10.70 6.01
CA TYR A 191 -1.88 -11.07 6.68
C TYR A 191 -1.28 -9.83 7.36
N SER A 192 -1.08 -9.86 8.66
CA SER A 192 -0.65 -8.67 9.33
C SER A 192 0.71 -8.99 9.91
N THR A 193 1.38 -8.09 10.62
CA THR A 193 2.80 -8.33 10.92
C THR A 193 3.45 -7.12 11.58
N TRP A 194 4.00 -7.31 12.79
CA TRP A 194 4.44 -6.20 13.61
C TRP A 194 5.71 -5.68 13.05
N GLN A 195 6.16 -4.52 13.53
CA GLN A 195 7.45 -3.97 13.08
C GLN A 195 7.86 -2.69 13.76
N GLN A 196 9.15 -2.39 13.73
CA GLN A 196 9.61 -1.20 14.44
C GLN A 196 9.13 -0.02 13.64
N ASN A 197 9.25 1.12 14.31
CA ASN A 197 9.07 2.41 13.69
C ASN A 197 10.02 2.47 12.51
N VAL A 198 9.47 2.76 11.34
CA VAL A 198 10.31 2.81 10.16
C VAL A 198 11.44 3.84 10.27
N LEU A 199 11.43 4.68 11.29
CA LEU A 199 12.55 5.52 11.60
C LEU A 199 13.74 4.68 12.09
N ASP A 200 13.48 3.73 12.97
CA ASP A 200 14.56 3.02 13.65
C ASP A 200 15.22 1.89 12.85
N VAL A 201 14.63 1.59 11.72
CA VAL A 201 15.08 0.51 10.86
C VAL A 201 16.60 0.46 10.50
N PRO A 202 17.28 1.60 10.38
CA PRO A 202 18.73 1.47 10.17
C PRO A 202 19.45 0.82 11.36
N LEU A 203 18.89 0.94 12.56
CA LEU A 203 19.48 0.35 13.73
C LEU A 203 19.47 -1.13 13.63
N ALA A 204 18.43 -1.65 12.99
CA ALA A 204 18.28 -3.08 12.78
C ALA A 204 19.47 -3.67 12.01
N LEU A 205 19.90 -3.05 10.91
CA LEU A 205 21.15 -3.50 10.28
C LEU A 205 22.37 -3.51 11.22
N GLN A 206 22.31 -2.83 12.33
CA GLN A 206 23.48 -2.82 13.16
C GLN A 206 23.37 -3.96 14.12
N ASN A 207 22.15 -4.30 14.51
CA ASN A 207 21.88 -5.40 15.47
C ASN A 207 22.09 -6.80 14.83
N THR A 208 23.28 -6.90 14.26
CA THR A 208 23.77 -8.06 13.58
C THR A 208 23.82 -9.35 14.46
N PHE A 209 24.12 -9.21 15.74
CA PHE A 209 24.07 -10.32 16.67
C PHE A 209 23.93 -9.72 18.04
N SER A 210 23.27 -10.45 18.95
CA SER A 210 22.88 -9.91 20.26
C SER A 210 24.05 -9.25 20.98
N LYS A 211 23.89 -8.00 21.43
CA LYS A 211 24.94 -7.28 22.15
C LYS A 211 25.22 -7.97 23.44
N ASP A 212 24.14 -8.45 24.01
CA ASP A 212 24.09 -9.52 24.99
C ASP A 212 24.91 -10.72 24.58
N GLY A 213 25.39 -11.52 25.48
CA GLY A 213 25.84 -12.82 24.98
C GLY A 213 24.70 -13.63 24.33
N MET A 214 23.52 -13.48 24.94
CA MET A 214 22.27 -14.21 24.65
C MET A 214 21.87 -14.16 23.20
N CYS A 215 20.73 -14.77 22.93
CA CYS A 215 20.41 -15.13 21.59
C CYS A 215 19.14 -16.05 21.65
N ILE A 216 17.96 -15.51 21.40
CA ILE A 216 16.81 -16.27 21.80
C ILE A 216 16.00 -16.51 20.53
N ALA A 217 15.21 -17.61 20.48
CA ALA A 217 14.47 -18.04 19.29
C ALA A 217 13.17 -18.79 19.65
N PRO A 218 12.17 -18.83 18.72
CA PRO A 218 11.04 -19.70 18.92
C PRO A 218 11.39 -21.15 18.83
N PHE A 219 10.87 -21.88 19.79
CA PHE A 219 11.22 -23.24 20.09
C PHE A 219 9.97 -24.04 20.30
N ARG A 220 10.12 -25.33 20.59
CA ARG A 220 9.02 -26.31 20.54
C ARG A 220 7.91 -25.99 21.55
N ASP A 221 6.67 -26.35 21.20
CA ASP A 221 5.60 -26.17 22.17
C ASP A 221 5.34 -24.75 22.56
N LYS A 222 5.12 -23.90 21.56
CA LYS A 222 4.90 -22.46 21.78
C LYS A 222 5.81 -21.93 22.89
N SER A 223 7.12 -22.03 22.67
CA SER A 223 8.05 -21.52 23.66
C SER A 223 9.22 -20.75 23.06
N LEU A 224 9.91 -20.03 23.93
CA LEU A 224 11.16 -19.39 23.55
C LEU A 224 12.33 -20.16 24.16
N LEU A 225 13.34 -20.42 23.35
CA LEU A 225 14.58 -20.99 23.80
C LEU A 225 15.70 -19.97 23.56
N ALA A 226 16.45 -19.66 24.63
CA ALA A 226 17.66 -18.80 24.65
C ALA A 226 18.89 -19.63 24.77
N SER A 227 19.81 -19.43 23.84
CA SER A 227 21.10 -20.06 23.97
C SER A 227 22.28 -19.05 23.92
N ASP A 228 23.43 -19.51 24.42
CA ASP A 228 24.62 -18.67 24.37
C ASP A 228 25.14 -18.61 22.96
N LEU A 229 25.84 -17.52 22.70
CA LEU A 229 26.26 -17.24 21.36
C LEU A 229 27.53 -17.99 20.96
N ASP A 230 28.46 -18.06 21.91
CA ASP A 230 29.76 -18.71 21.71
C ASP A 230 29.66 -20.10 21.19
N PHE A 231 29.20 -21.02 22.05
CA PHE A 231 28.89 -22.41 21.67
C PHE A 231 27.43 -22.87 21.82
N ARG A 232 26.52 -22.22 21.13
CA ARG A 232 25.14 -22.59 21.04
C ARG A 232 24.60 -23.56 22.10
N ILE A 233 24.55 -23.14 23.37
CA ILE A 233 24.02 -24.01 24.42
C ILE A 233 22.89 -23.37 25.21
N ALA A 234 21.79 -24.14 25.37
CA ALA A 234 20.50 -23.72 25.93
C ALA A 234 20.72 -23.18 27.31
N ARG A 235 20.21 -21.98 27.54
CA ARG A 235 20.32 -21.38 28.86
C ARG A 235 18.98 -21.25 29.48
N TRP A 236 17.99 -20.68 28.80
CA TRP A 236 16.69 -20.75 29.40
C TRP A 236 15.63 -21.19 28.41
N VAL A 237 14.56 -21.78 28.90
CA VAL A 237 13.37 -22.00 28.06
C VAL A 237 12.14 -21.26 28.67
N SER A 238 11.37 -20.57 27.86
CA SER A 238 10.26 -19.80 28.37
C SER A 238 9.06 -20.68 28.69
N PRO A 239 8.04 -20.13 29.38
CA PRO A 239 6.82 -20.90 29.56
C PRO A 239 6.01 -20.91 28.25
N THR A 240 4.78 -21.43 28.27
CA THR A 240 4.05 -21.48 27.02
C THR A 240 3.34 -20.21 26.63
N PHE A 241 3.34 -19.93 25.34
CA PHE A 241 2.57 -18.81 24.87
C PHE A 241 1.31 -19.36 24.20
N PRO A 242 0.23 -18.54 24.21
CA PRO A 242 -1.02 -18.91 23.56
C PRO A 242 -0.88 -19.34 22.10
N GLY A 243 0.26 -19.09 21.47
CA GLY A 243 0.44 -19.57 20.12
C GLY A 243 1.94 -19.57 19.79
N ILE A 244 2.32 -20.24 18.68
CA ILE A 244 3.74 -20.30 18.41
C ILE A 244 4.35 -18.90 18.12
N ILE A 245 5.53 -18.61 18.67
CA ILE A 245 6.09 -17.26 18.59
C ILE A 245 6.87 -17.03 17.35
N VAL A 246 6.40 -16.03 16.61
CA VAL A 246 6.82 -15.84 15.25
C VAL A 246 7.39 -14.41 15.05
N GLY A 247 7.16 -13.50 16.01
CA GLY A 247 7.81 -12.18 16.01
C GLY A 247 8.65 -11.88 17.26
N LEU A 248 9.84 -11.28 17.06
CA LEU A 248 10.73 -11.09 18.24
C LEU A 248 11.53 -9.75 18.37
N PHE A 249 11.30 -8.92 19.39
CA PHE A 249 12.08 -7.64 19.39
C PHE A 249 12.97 -7.39 20.58
N ASP A 250 14.19 -6.91 20.29
CA ASP A 250 15.13 -6.40 21.30
C ASP A 250 14.63 -5.02 21.68
N VAL A 251 14.79 -4.59 22.94
CA VAL A 251 14.50 -3.17 23.27
C VAL A 251 15.71 -2.38 23.83
N PHE A 252 16.13 -1.34 23.15
CA PHE A 252 17.24 -0.59 23.65
C PHE A 252 16.82 0.69 24.39
N ASN A 253 17.73 1.22 25.19
CA ASN A 253 17.48 2.44 25.96
C ASN A 253 18.43 3.51 25.53
N ASP A 254 17.88 4.63 25.07
CA ASP A 254 18.68 5.82 24.86
C ASP A 254 18.81 6.50 26.19
N LEU A 255 20.00 6.40 26.79
CA LEU A 255 20.17 6.93 28.15
C LEU A 255 20.15 8.48 28.29
N ARG A 256 20.65 9.21 27.28
CA ARG A 256 20.35 10.65 27.15
C ARG A 256 18.81 10.88 27.13
N THR A 257 18.17 10.74 25.95
CA THR A 257 16.71 11.03 25.77
C THR A 257 15.76 10.16 26.59
N ASN A 258 16.28 9.06 27.10
CA ASN A 258 15.47 8.20 27.93
C ASN A 258 14.25 7.57 27.20
N GLU A 259 14.45 7.10 25.97
CA GLU A 259 13.37 6.54 25.18
C GLU A 259 13.55 5.06 25.12
N ASN A 260 12.49 4.36 24.71
CA ASN A 260 12.53 2.92 24.57
C ASN A 260 12.47 2.55 23.12
N ILE A 261 13.59 2.62 22.43
CA ILE A 261 13.54 2.28 21.04
C ILE A 261 13.65 0.77 20.78
N LEU A 262 12.78 0.22 19.96
CA LEU A 262 12.88 -1.21 19.77
C LEU A 262 13.39 -1.68 18.39
N VAL A 263 14.19 -2.73 18.40
CA VAL A 263 14.80 -3.22 17.17
C VAL A 263 14.66 -4.78 17.10
N PRO A 264 14.58 -5.38 15.87
CA PRO A 264 14.33 -6.83 15.84
C PRO A 264 15.51 -7.53 16.36
N HIS A 265 15.23 -8.63 17.04
CA HIS A 265 16.25 -9.51 17.59
C HIS A 265 16.93 -10.27 16.45
N PRO A 266 18.28 -10.35 16.41
CA PRO A 266 18.95 -10.81 15.18
C PRO A 266 18.58 -12.23 14.98
N PHE A 267 19.17 -12.93 14.02
CA PHE A 267 19.06 -14.43 14.05
C PHE A 267 20.33 -15.22 13.56
N ASN A 268 20.70 -16.26 14.31
CA ASN A 268 21.92 -17.05 14.05
C ASN A 268 22.16 -17.52 12.58
N PRO A 269 23.45 -17.86 12.25
CA PRO A 269 23.81 -18.45 10.94
C PRO A 269 23.84 -19.98 11.04
N ASN A 278 15.97 -27.14 3.56
CA ASN A 278 14.81 -26.78 2.73
C ASN A 278 13.49 -27.44 3.18
N LYS A 279 13.44 -27.83 4.45
CA LYS A 279 12.19 -28.33 5.02
C LYS A 279 11.36 -27.26 5.74
N VAL A 280 10.07 -27.20 5.45
CA VAL A 280 9.19 -26.33 6.21
C VAL A 280 8.21 -27.09 7.09
N TYR A 281 7.83 -26.45 8.19
CA TYR A 281 6.87 -26.95 9.16
C TYR A 281 5.52 -26.30 8.96
N LEU A 282 4.43 -27.09 8.92
CA LEU A 282 3.04 -26.60 8.70
C LEU A 282 2.24 -26.81 9.96
N ASP A 283 1.24 -25.94 10.13
CA ASP A 283 0.40 -25.97 11.34
C ASP A 283 -0.68 -24.99 11.09
N GLN A 284 -1.75 -25.05 11.89
CA GLN A 284 -2.83 -24.14 11.60
C GLN A 284 -3.27 -23.28 12.76
N THR A 285 -3.76 -22.08 12.45
CA THR A 285 -4.16 -21.14 13.52
C THR A 285 -5.47 -21.54 14.04
N SER A 286 -5.96 -20.76 15.00
CA SER A 286 -7.14 -21.16 15.70
C SER A 286 -8.34 -20.97 14.78
N ASN A 287 -8.35 -19.91 13.97
CA ASN A 287 -9.39 -19.83 12.97
C ASN A 287 -9.12 -20.76 11.79
N LEU A 288 -8.31 -21.78 12.00
CA LEU A 288 -8.12 -22.89 11.02
C LEU A 288 -7.35 -22.55 9.74
N SER A 289 -6.67 -21.42 9.73
CA SER A 289 -5.82 -21.11 8.60
C SER A 289 -4.46 -21.80 8.68
N TRP A 290 -4.04 -22.39 7.58
CA TRP A 290 -2.74 -23.09 7.54
C TRP A 290 -1.57 -22.13 7.45
N PHE A 291 -0.54 -22.34 8.24
CA PHE A 291 0.67 -21.51 8.03
C PHE A 291 1.97 -22.28 8.00
N ALA A 292 2.95 -21.66 7.34
CA ALA A 292 4.26 -22.34 7.21
C ALA A 292 5.35 -21.63 8.00
N LEU A 293 6.36 -22.38 8.42
CA LEU A 293 7.54 -21.80 9.02
C LEU A 293 8.72 -22.50 8.35
N SER A 294 9.39 -21.76 7.47
CA SER A 294 10.57 -22.25 6.74
C SER A 294 11.67 -22.48 7.71
N SER A 295 12.60 -23.37 7.39
CA SER A 295 13.71 -23.43 8.32
C SER A 295 14.70 -22.23 8.15
N GLN A 296 14.59 -21.47 7.04
CA GLN A 296 15.37 -20.24 6.91
C GLN A 296 15.03 -19.38 8.11
N ASN A 297 13.74 -19.13 8.28
CA ASN A 297 13.31 -18.31 9.36
C ASN A 297 13.16 -18.97 10.67
N PHE A 298 13.00 -20.28 10.71
CA PHE A 298 12.72 -20.82 12.02
C PHE A 298 13.42 -22.14 12.26
N PRO A 299 14.76 -22.13 11.99
CA PRO A 299 15.60 -23.31 11.94
C PRO A 299 15.42 -24.02 13.23
N SER A 300 15.47 -23.24 14.27
CA SER A 300 15.52 -23.82 15.58
C SER A 300 14.27 -24.70 15.89
N LEU A 301 13.09 -24.17 15.51
CA LEU A 301 11.79 -24.82 15.66
C LEU A 301 11.64 -25.97 14.67
N VAL A 302 11.80 -25.68 13.40
CA VAL A 302 11.71 -26.73 12.42
C VAL A 302 12.49 -28.04 12.75
N GLU A 303 13.64 -27.89 13.38
CA GLU A 303 14.52 -29.02 13.58
C GLU A 303 14.07 -29.78 14.79
N SER A 304 13.45 -29.10 15.75
CA SER A 304 12.86 -29.73 16.96
C SER A 304 11.41 -30.24 16.72
N ALA A 305 11.05 -30.30 15.46
CA ALA A 305 9.70 -30.58 15.04
C ALA A 305 9.58 -31.96 14.35
N PRO A 306 8.47 -32.65 14.58
CA PRO A 306 8.22 -34.04 14.12
C PRO A 306 7.89 -34.14 12.64
N ILE A 307 8.37 -35.16 11.96
CA ILE A 307 8.05 -35.31 10.51
C ILE A 307 6.59 -35.58 10.24
N SER A 308 5.98 -34.68 9.49
CA SER A 308 4.57 -34.75 9.20
C SER A 308 4.26 -36.09 8.64
N ARG A 309 3.11 -36.59 9.08
CA ARG A 309 2.63 -37.90 8.63
C ARG A 309 2.60 -38.10 7.12
N TYR A 310 1.84 -37.28 6.42
CA TYR A 310 1.89 -37.27 4.98
C TYR A 310 3.30 -37.41 4.41
N ALA A 311 4.26 -36.70 4.97
CA ALA A 311 5.62 -36.83 4.47
C ALA A 311 6.09 -38.25 4.72
N SER A 312 5.60 -38.93 5.74
CA SER A 312 6.21 -40.22 6.10
C SER A 312 5.65 -41.47 5.47
N SER A 313 4.33 -41.61 5.44
CA SER A 313 3.78 -42.83 4.96
C SER A 313 2.69 -42.55 3.98
N ASP A 314 2.63 -43.31 2.90
CA ASP A 314 1.62 -43.02 1.93
C ASP A 314 0.31 -43.56 2.39
N ARG A 315 0.30 -44.35 3.44
CA ARG A 315 -1.01 -44.75 3.89
C ARG A 315 -1.67 -43.48 4.44
N TRP A 316 -0.94 -42.36 4.43
CA TRP A 316 -1.51 -41.02 4.72
C TRP A 316 -1.70 -40.14 3.49
N ARG A 317 -1.33 -40.63 2.32
CA ARG A 317 -1.42 -39.80 1.12
C ARG A 317 -2.54 -40.26 0.25
N VAL A 318 -3.35 -41.19 0.73
CA VAL A 318 -4.48 -41.71 -0.03
C VAL A 318 -5.65 -40.75 0.08
N SER A 319 -6.55 -40.84 -0.91
CA SER A 319 -7.60 -39.87 -1.11
C SER A 319 -8.59 -39.73 0.04
N SER A 320 -9.08 -40.87 0.50
CA SER A 320 -10.03 -40.86 1.61
C SER A 320 -9.64 -39.83 2.67
N ILE A 321 -8.33 -39.66 2.83
CA ILE A 321 -7.79 -38.77 3.87
C ILE A 321 -8.15 -37.28 3.80
N PHE A 322 -8.28 -36.78 2.57
CA PHE A 322 -8.44 -35.36 2.33
C PHE A 322 -9.90 -35.01 2.21
N GLU A 323 -10.72 -36.05 2.22
CA GLU A 323 -12.15 -35.96 2.32
C GLU A 323 -12.57 -35.50 3.71
N ASP A 324 -11.75 -35.77 4.73
CA ASP A 324 -12.09 -35.44 6.09
C ASP A 324 -11.20 -34.29 6.61
N GLU A 325 -11.83 -33.31 7.24
CA GLU A 325 -11.13 -32.17 7.76
C GLU A 325 -10.06 -32.63 8.73
N THR A 326 -10.50 -33.38 9.72
CA THR A 326 -9.64 -33.82 10.79
C THR A 326 -8.51 -34.76 10.34
N LEU A 327 -8.86 -35.70 9.47
CA LEU A 327 -7.85 -36.54 8.85
C LEU A 327 -6.82 -35.72 8.10
N PHE A 328 -7.28 -34.79 7.28
CA PHE A 328 -6.41 -33.90 6.51
C PHE A 328 -5.44 -33.15 7.39
N LYS A 329 -6.00 -32.53 8.41
CA LYS A 329 -5.24 -31.74 9.37
C LYS A 329 -4.09 -32.53 9.92
N ASN A 330 -4.45 -33.71 10.43
CA ASN A 330 -3.53 -34.61 11.05
C ASN A 330 -2.55 -35.19 10.09
N ALA A 331 -2.94 -35.25 8.82
CA ALA A 331 -2.05 -35.73 7.81
C ALA A 331 -0.88 -34.76 7.56
N ILE A 332 -1.17 -33.49 7.28
CA ILE A 332 -0.11 -32.59 6.82
C ILE A 332 0.54 -31.76 7.90
N MET A 333 -0.03 -31.74 9.07
CA MET A 333 0.59 -31.00 10.11
C MET A 333 1.93 -31.64 10.45
N GLY A 334 2.92 -30.78 10.72
CA GLY A 334 4.33 -31.16 10.98
C GLY A 334 5.25 -30.77 9.83
N VAL A 335 6.49 -31.23 9.84
CA VAL A 335 7.34 -30.79 8.75
C VAL A 335 7.35 -31.62 7.46
N HIS A 336 7.29 -30.92 6.35
CA HIS A 336 7.51 -31.50 5.03
C HIS A 336 8.84 -31.03 4.51
N GLN A 337 9.17 -31.45 3.30
CA GLN A 337 10.39 -31.03 2.69
C GLN A 337 10.30 -30.61 1.19
N ILE A 338 10.02 -29.35 0.87
CA ILE A 338 9.91 -28.91 -0.53
C ILE A 338 11.20 -29.21 -1.34
N TYR A 339 11.03 -29.54 -2.61
CA TYR A 339 12.13 -30.02 -3.47
C TYR A 339 12.50 -29.19 -4.72
N ASN B 1 -1.05 -7.83 -27.30
CA ASN B 1 -0.73 -7.37 -25.90
C ASN B 1 0.80 -7.48 -25.56
N ARG B 2 1.67 -7.86 -26.51
CA ARG B 2 3.14 -7.97 -26.22
C ARG B 2 3.92 -6.76 -26.75
N SER B 3 3.50 -6.25 -27.89
CA SER B 3 4.21 -5.15 -28.46
C SER B 3 3.15 -4.20 -28.91
N LEU B 4 3.10 -3.05 -28.27
CA LEU B 4 2.10 -2.01 -28.58
C LEU B 4 2.05 -1.78 -30.07
N ASN B 5 3.17 -2.06 -30.74
CA ASN B 5 3.23 -1.84 -32.15
C ASN B 5 2.04 -2.40 -32.88
N GLU B 6 1.86 -3.73 -32.91
CA GLU B 6 0.57 -4.28 -33.29
C GLU B 6 -0.47 -3.91 -32.24
N LEU B 7 -1.63 -3.42 -32.70
CA LEU B 7 -2.80 -3.03 -31.87
C LEU B 7 -3.41 -1.78 -32.50
N SER B 8 -4.72 -1.74 -32.74
CA SER B 8 -5.38 -0.50 -33.23
C SER B 8 -5.41 0.54 -32.13
N LEU B 9 -5.07 1.77 -32.47
CA LEU B 9 -5.33 2.83 -31.55
C LEU B 9 -6.79 3.13 -31.74
N SER B 10 -7.57 2.90 -30.70
CA SER B 10 -9.00 3.20 -30.67
C SER B 10 -9.29 4.68 -30.77
N ASP B 11 -10.46 4.97 -31.28
CA ASP B 11 -10.89 6.31 -31.35
C ASP B 11 -11.39 6.83 -30.03
N ILE B 12 -11.53 5.92 -29.08
CA ILE B 12 -11.86 6.30 -27.74
C ILE B 12 -10.60 6.64 -26.99
N LEU B 13 -10.81 7.60 -26.08
CA LEU B 13 -9.85 8.16 -25.16
C LEU B 13 -10.58 8.25 -23.83
N ILE B 14 -9.85 8.07 -22.75
CA ILE B 14 -10.52 8.11 -21.51
C ILE B 14 -9.97 9.12 -20.57
N ALA B 15 -10.84 9.99 -20.08
CA ALA B 15 -10.39 11.10 -19.25
C ALA B 15 -10.89 10.98 -17.83
N ALA B 16 -10.03 11.28 -16.87
CA ALA B 16 -10.47 11.52 -15.49
C ALA B 16 -10.37 13.04 -15.08
N ASP B 17 -11.47 13.57 -14.49
CA ASP B 17 -11.54 14.99 -13.96
C ASP B 17 -11.21 14.99 -12.48
N VAL B 18 -10.92 16.14 -11.88
CA VAL B 18 -10.32 16.20 -10.53
C VAL B 18 -11.34 15.93 -9.50
N GLU B 19 -12.56 15.94 -9.89
CA GLU B 19 -13.60 15.55 -8.96
C GLU B 19 -13.83 14.09 -9.00
N GLY B 20 -13.08 13.39 -9.85
CA GLY B 20 -13.01 11.93 -9.88
C GLY B 20 -14.07 11.25 -10.71
N GLY B 21 -14.69 12.02 -11.60
CA GLY B 21 -15.52 11.47 -12.64
C GLY B 21 -14.71 10.99 -13.83
N LEU B 22 -15.33 10.10 -14.60
CA LEU B 22 -14.67 9.42 -15.67
C LEU B 22 -15.50 9.64 -16.89
N HIS B 23 -14.86 10.04 -17.99
CA HIS B 23 -15.58 10.19 -19.24
C HIS B 23 -14.78 9.57 -20.35
N ALA B 24 -15.51 9.27 -21.42
CA ALA B 24 -14.94 8.74 -22.64
C ALA B 24 -15.11 9.81 -23.65
N VAL B 25 -14.01 10.39 -24.11
CA VAL B 25 -14.07 11.41 -25.12
C VAL B 25 -13.57 10.86 -26.46
N ASP B 26 -14.22 11.28 -27.53
CA ASP B 26 -13.90 10.84 -28.87
C ASP B 26 -12.67 11.55 -29.38
N ARG B 27 -11.60 10.77 -29.61
CA ARG B 27 -10.29 11.24 -30.03
C ARG B 27 -10.24 12.07 -31.34
N ARG B 28 -11.35 12.17 -32.04
CA ARG B 28 -11.28 12.87 -33.30
C ARG B 28 -11.78 14.26 -33.24
N ASN B 29 -12.61 14.58 -32.27
CA ASN B 29 -13.16 15.92 -32.18
C ASN B 29 -13.20 16.46 -30.72
N GLY B 30 -12.97 15.57 -29.75
CA GLY B 30 -13.11 15.93 -28.36
C GLY B 30 -14.57 15.94 -27.90
N HIS B 31 -15.42 15.19 -28.62
CA HIS B 31 -16.78 14.93 -28.21
C HIS B 31 -16.83 14.03 -26.99
N ILE B 32 -17.71 14.38 -26.06
CA ILE B 32 -17.86 13.64 -24.81
C ILE B 32 -18.84 12.46 -24.97
N ILE B 33 -18.32 11.31 -25.37
CA ILE B 33 -19.16 10.12 -25.58
C ILE B 33 -20.01 9.69 -24.38
N TRP B 34 -19.50 9.85 -23.16
CA TRP B 34 -20.30 9.58 -21.96
C TRP B 34 -19.54 9.94 -20.71
N SER B 35 -20.25 10.31 -19.64
CA SER B 35 -19.56 10.53 -18.38
C SER B 35 -20.14 9.73 -17.29
N ILE B 36 -19.38 9.59 -16.22
CA ILE B 36 -19.81 8.89 -15.00
C ILE B 36 -19.57 9.83 -13.85
N GLU B 37 -20.55 9.92 -12.95
CA GLU B 37 -20.48 10.85 -11.84
C GLU B 37 -19.65 10.29 -10.73
N PRO B 38 -19.05 11.18 -9.92
CA PRO B 38 -18.06 10.70 -8.96
C PRO B 38 -18.59 10.10 -7.61
N GLU B 39 -19.91 10.14 -7.39
CA GLU B 39 -20.58 9.40 -6.32
C GLU B 39 -20.25 7.98 -6.54
N ASN B 40 -20.15 7.59 -7.81
CA ASN B 40 -19.79 6.21 -8.18
C ASN B 40 -18.43 5.77 -7.81
N PHE B 41 -17.52 6.71 -7.67
CA PHE B 41 -16.18 6.36 -7.23
C PHE B 41 -15.85 7.06 -5.91
N GLN B 42 -14.74 7.79 -5.93
CA GLN B 42 -14.21 8.53 -4.78
C GLN B 42 -13.61 9.79 -5.34
N PRO B 43 -13.84 10.91 -4.59
CA PRO B 43 -13.09 12.17 -4.64
C PRO B 43 -11.60 11.89 -4.89
N LEU B 44 -10.96 12.64 -5.76
CA LEU B 44 -9.58 12.36 -6.08
C LEU B 44 -8.68 12.83 -4.98
N ILE B 45 -8.97 13.98 -4.39
CA ILE B 45 -8.15 14.41 -3.29
C ILE B 45 -9.10 15.00 -2.29
N GLU B 46 -8.90 14.62 -1.05
CA GLU B 46 -9.64 15.22 0.02
C GLU B 46 -8.73 15.41 1.26
N ILE B 47 -8.25 16.65 1.43
CA ILE B 47 -7.29 17.05 2.43
C ILE B 47 -8.05 17.60 3.57
N GLN B 48 -7.72 17.19 4.77
CA GLN B 48 -8.42 17.64 5.96
C GLN B 48 -7.46 18.10 7.06
N GLU B 49 -7.32 19.43 7.18
CA GLU B 49 -6.21 20.04 7.93
C GLU B 49 -6.67 20.79 9.17
N PRO B 50 -5.72 21.34 9.98
CA PRO B 50 -6.16 21.82 11.27
C PRO B 50 -6.75 23.24 11.19
N SER B 51 -6.37 24.07 10.19
CA SER B 51 -7.14 25.30 9.95
C SER B 51 -6.44 26.47 9.27
N ARG B 52 -6.92 26.79 8.07
CA ARG B 52 -6.33 27.80 7.17
C ARG B 52 -6.43 29.22 7.66
N LEU B 53 -7.38 29.47 8.55
CA LEU B 53 -7.78 30.82 8.90
C LEU B 53 -7.12 31.27 10.18
N GLU B 54 -6.92 30.37 11.14
CA GLU B 54 -6.14 30.71 12.32
C GLU B 54 -4.65 30.75 11.88
N THR B 55 -4.10 29.65 11.33
CA THR B 55 -2.74 29.64 10.72
C THR B 55 -2.82 29.89 9.24
N TYR B 56 -1.94 30.68 8.67
CA TYR B 56 -2.16 31.07 7.25
C TYR B 56 -1.52 30.15 6.24
N GLU B 57 -1.81 28.87 6.44
CA GLU B 57 -1.17 27.77 5.75
C GLU B 57 -2.22 26.83 5.33
N THR B 58 -1.91 26.13 4.25
CA THR B 58 -2.77 25.11 3.76
C THR B 58 -1.99 24.03 3.05
N LEU B 59 -2.51 22.81 3.18
CA LEU B 59 -1.91 21.65 2.54
C LEU B 59 -2.44 21.44 1.16
N ILE B 60 -1.55 21.09 0.24
CA ILE B 60 -1.96 21.01 -1.15
C ILE B 60 -1.24 19.93 -1.88
N ILE B 61 -1.96 19.04 -2.57
CA ILE B 61 -1.25 18.02 -3.30
C ILE B 61 -1.55 18.03 -4.74
N GLU B 62 -0.55 17.74 -5.57
CA GLU B 62 -0.83 17.69 -7.02
C GLU B 62 -1.49 16.34 -7.31
N PRO B 63 -2.74 16.35 -7.85
CA PRO B 63 -3.48 15.06 -7.90
C PRO B 63 -2.99 14.31 -9.09
N PHE B 64 -1.78 13.82 -9.06
CA PHE B 64 -1.24 13.17 -10.24
C PHE B 64 -0.08 12.27 -9.86
N GLY B 65 -0.04 11.10 -10.50
CA GLY B 65 1.01 10.16 -10.21
C GLY B 65 1.08 9.75 -8.74
N ASP B 66 2.30 9.71 -8.20
CA ASP B 66 2.57 9.52 -6.81
C ASP B 66 1.85 10.46 -5.89
N GLY B 67 1.13 11.44 -6.47
CA GLY B 67 0.54 12.55 -5.69
C GLY B 67 1.59 13.37 -4.92
N ASN B 68 2.21 14.31 -5.64
CA ASN B 68 3.20 15.10 -5.03
C ASN B 68 2.69 16.16 -4.02
N ILE B 69 3.45 16.42 -2.96
CA ILE B 69 2.98 17.35 -1.95
C ILE B 69 3.54 18.77 -2.01
N TYR B 70 2.64 19.74 -1.88
CA TYR B 70 3.01 21.11 -1.86
C TYR B 70 2.32 21.80 -0.73
N TYR B 71 2.73 23.03 -0.48
CA TYR B 71 2.30 23.69 0.74
C TYR B 71 2.39 25.19 0.66
N PHE B 72 1.37 25.88 1.17
CA PHE B 72 1.33 27.33 1.07
C PHE B 72 1.07 27.96 2.38
N ASN B 73 1.90 28.92 2.66
CA ASN B 73 1.78 29.65 3.87
C ASN B 73 1.98 31.11 3.53
N ALA B 74 1.05 31.97 4.00
CA ALA B 74 0.99 33.40 3.62
C ALA B 74 2.26 34.15 3.89
N HIS B 75 3.07 33.68 4.83
CA HIS B 75 4.40 34.21 5.07
C HIS B 75 5.42 33.89 4.00
N GLN B 76 5.41 32.71 3.38
CA GLN B 76 6.41 32.55 2.32
C GLN B 76 5.87 31.96 1.04
N GLY B 77 4.67 32.37 0.66
CA GLY B 77 4.00 31.77 -0.49
C GLY B 77 3.99 30.25 -0.55
N LEU B 78 4.07 29.74 -1.77
CA LEU B 78 3.88 28.32 -2.07
C LEU B 78 5.16 27.60 -2.13
N GLN B 79 5.28 26.49 -1.39
CA GLN B 79 6.47 25.64 -1.48
C GLN B 79 6.25 24.20 -1.91
N LYS B 80 7.21 23.65 -2.62
CA LYS B 80 7.14 22.25 -2.98
C LYS B 80 7.85 21.39 -1.96
N LEU B 81 7.17 20.47 -1.27
CA LEU B 81 7.91 19.53 -0.41
C LEU B 81 8.54 18.40 -1.25
N PRO B 82 9.68 17.83 -0.74
CA PRO B 82 10.41 16.69 -1.34
C PRO B 82 9.74 15.32 -0.97
N LEU B 83 8.42 15.30 -0.95
CA LEU B 83 7.67 14.15 -0.50
C LEU B 83 6.50 13.98 -1.42
N SER B 84 6.04 12.75 -1.41
CA SER B 84 5.09 12.30 -2.36
C SER B 84 4.03 11.60 -1.54
N ILE B 85 2.78 11.63 -1.91
CA ILE B 85 1.88 10.92 -1.04
C ILE B 85 2.09 9.43 -0.96
N ARG B 86 2.21 8.76 -2.12
CA ARG B 86 2.55 7.35 -2.14
C ARG B 86 3.75 7.12 -1.23
N GLN B 87 4.82 7.87 -1.48
CA GLN B 87 6.05 7.79 -0.76
C GLN B 87 5.89 7.94 0.74
N LEU B 88 5.09 8.89 1.19
CA LEU B 88 4.85 8.96 2.63
C LEU B 88 4.15 7.70 3.11
N VAL B 89 2.95 7.41 2.62
CA VAL B 89 2.28 6.16 2.99
C VAL B 89 3.26 4.99 2.98
N SER B 90 4.17 4.94 2.01
CA SER B 90 5.04 3.76 1.88
C SER B 90 6.09 3.77 2.89
N THR B 91 6.06 4.71 3.80
CA THR B 91 7.07 4.68 4.83
C THR B 91 6.42 4.87 6.22
N SER B 92 5.21 4.30 6.38
CA SER B 92 4.57 4.24 7.69
C SER B 92 4.86 2.92 8.29
N PRO B 93 4.51 2.72 9.54
CA PRO B 93 4.14 3.82 10.38
C PRO B 93 5.39 4.53 10.89
N LEU B 94 5.40 5.86 10.78
CA LEU B 94 6.51 6.62 11.30
C LEU B 94 6.11 7.45 12.52
N HIS B 95 6.89 7.33 13.58
CA HIS B 95 6.71 8.12 14.79
C HIS B 95 7.94 8.97 14.94
N LEU B 96 7.75 10.29 15.02
CA LEU B 96 8.88 11.20 15.15
C LEU B 96 8.76 12.20 16.30
N LYS B 97 9.71 12.14 17.25
CA LYS B 97 9.63 12.95 18.48
C LYS B 97 10.64 14.07 18.44
N THR B 98 10.38 15.02 17.54
CA THR B 98 11.27 16.17 17.29
C THR B 98 11.77 16.88 18.56
N ASN B 99 13.10 17.09 18.65
CA ASN B 99 13.74 17.67 19.85
C ASN B 99 15.05 18.39 19.57
N GLU B 110 9.55 20.93 22.09
CA GLU B 110 9.48 20.39 20.73
C GLU B 110 8.35 19.35 20.62
N ASP B 111 7.85 19.09 19.40
CA ASP B 111 6.65 18.22 19.19
C ASP B 111 6.84 16.93 18.39
N GLU B 112 6.02 15.93 18.73
CA GLU B 112 5.97 14.62 18.06
C GLU B 112 4.71 14.27 17.23
N LYS B 113 4.95 13.81 16.00
CA LYS B 113 3.92 13.35 15.07
C LYS B 113 3.98 11.82 14.88
N VAL B 114 2.87 11.25 14.40
CA VAL B 114 2.75 9.84 14.00
C VAL B 114 1.96 9.65 12.68
N TYR B 115 2.68 9.19 11.68
CA TYR B 115 2.18 8.99 10.34
C TYR B 115 1.73 7.57 10.03
N THR B 116 0.42 7.35 10.04
CA THR B 116 -0.15 6.06 9.70
C THR B 116 -0.85 6.11 8.38
N GLY B 117 -0.49 5.15 7.53
CA GLY B 117 -0.97 5.12 6.14
C GLY B 117 -1.98 4.05 5.86
N SER B 118 -2.22 3.84 4.55
CA SER B 118 -3.28 2.99 4.04
C SER B 118 -3.35 3.23 2.56
N MET B 119 -3.29 2.15 1.81
CA MET B 119 -3.37 2.19 0.37
C MET B 119 -4.25 1.01 -0.11
N ARG B 120 -5.26 1.28 -0.93
CA ARG B 120 -6.06 0.18 -1.47
C ARG B 120 -6.00 0.15 -2.93
N THR B 121 -6.37 -0.99 -3.45
CA THR B 121 -6.45 -1.20 -4.87
C THR B 121 -7.89 -1.59 -5.25
N ILE B 122 -8.35 -1.22 -6.44
CA ILE B 122 -9.69 -1.55 -6.97
C ILE B 122 -9.65 -1.75 -8.49
N MET B 123 -10.56 -2.56 -9.02
CA MET B 123 -10.69 -2.70 -10.48
C MET B 123 -12.15 -2.52 -10.89
N TYR B 124 -12.40 -1.80 -11.99
CA TYR B 124 -13.75 -1.70 -12.51
C TYR B 124 -13.67 -2.21 -13.88
N THR B 125 -14.72 -2.87 -14.35
CA THR B 125 -14.88 -3.04 -15.79
C THR B 125 -16.13 -2.31 -16.25
N ILE B 126 -15.96 -1.55 -17.30
CA ILE B 126 -16.94 -0.58 -17.70
C ILE B 126 -17.24 -0.84 -19.16
N ASN B 127 -18.48 -0.68 -19.54
CA ASN B 127 -18.80 -0.83 -20.93
C ASN B 127 -18.43 0.41 -21.68
N MET B 128 -17.60 0.29 -22.70
CA MET B 128 -17.18 1.48 -23.40
C MET B 128 -18.31 2.17 -24.09
N LEU B 129 -18.87 1.47 -25.07
CA LEU B 129 -19.99 1.97 -25.83
C LEU B 129 -20.81 2.94 -24.92
N ASN B 130 -21.18 2.44 -23.75
CA ASN B 130 -22.16 3.08 -22.96
C ASN B 130 -21.57 3.88 -21.79
N GLY B 131 -20.78 3.25 -20.95
CA GLY B 131 -20.32 3.94 -19.75
C GLY B 131 -20.87 3.35 -18.49
N GLU B 132 -21.63 2.28 -18.63
CA GLU B 132 -22.18 1.61 -17.46
C GLU B 132 -21.08 0.75 -16.87
N ILE B 133 -21.02 0.76 -15.54
CA ILE B 133 -20.04 -0.03 -14.81
C ILE B 133 -20.55 -1.43 -14.73
N ILE B 134 -19.87 -2.37 -15.37
CA ILE B 134 -20.37 -3.73 -15.43
C ILE B 134 -20.08 -4.47 -14.14
N SER B 135 -18.85 -4.41 -13.64
CA SER B 135 -18.54 -5.03 -12.36
C SER B 135 -17.41 -4.27 -11.73
N ALA B 136 -17.39 -4.28 -10.40
CA ALA B 136 -16.44 -3.53 -9.63
C ALA B 136 -15.73 -4.47 -8.70
N PHE B 137 -14.42 -4.44 -8.68
CA PHE B 137 -13.72 -5.34 -7.80
C PHE B 137 -12.77 -4.73 -6.78
N GLY B 138 -12.61 -5.46 -5.69
CA GLY B 138 -11.63 -5.11 -4.69
C GLY B 138 -12.36 -4.40 -3.58
N PRO B 139 -11.72 -4.29 -2.37
CA PRO B 139 -12.07 -3.47 -1.20
C PRO B 139 -12.97 -2.26 -1.48
N GLY B 140 -13.99 -2.52 -2.33
CA GLY B 140 -14.80 -1.52 -3.11
C GLY B 140 -16.26 -1.94 -3.26
N SER B 141 -16.60 -2.87 -4.15
CA SER B 141 -17.93 -3.57 -4.09
C SER B 141 -18.13 -4.71 -5.09
N LYS B 142 -17.69 -5.92 -4.74
CA LYS B 142 -17.42 -6.97 -5.73
C LYS B 142 -18.63 -7.58 -6.50
N ASN B 143 -19.01 -6.95 -7.62
CA ASN B 143 -20.12 -7.37 -8.50
C ASN B 143 -19.66 -8.47 -9.51
N GLY B 144 -20.51 -8.83 -10.50
CA GLY B 144 -20.18 -9.79 -11.58
C GLY B 144 -20.88 -9.46 -12.87
N GLU B 165 -17.03 -8.34 -24.36
CA GLU B 165 -17.69 -7.65 -25.48
C GLU B 165 -16.78 -6.55 -26.01
N ASN B 166 -17.22 -5.30 -25.83
CA ASN B 166 -16.41 -4.15 -26.09
C ASN B 166 -16.47 -3.39 -24.78
N MET B 167 -15.77 -3.94 -23.80
CA MET B 167 -15.60 -3.22 -22.57
C MET B 167 -14.19 -3.19 -22.14
N ILE B 168 -13.98 -2.44 -21.10
CA ILE B 168 -12.67 -2.03 -20.76
C ILE B 168 -12.52 -2.22 -19.27
N VAL B 169 -11.33 -2.61 -18.83
CA VAL B 169 -11.10 -2.75 -17.37
C VAL B 169 -10.04 -1.78 -16.91
N ILE B 170 -10.35 -1.04 -15.86
CA ILE B 170 -9.52 0.08 -15.41
C ILE B 170 -9.28 -0.03 -13.92
N GLY B 171 -8.04 0.23 -13.53
CA GLY B 171 -7.68 0.14 -12.13
C GLY B 171 -7.61 1.52 -11.49
N LYS B 172 -7.62 1.52 -10.16
CA LYS B 172 -7.58 2.74 -9.44
C LYS B 172 -7.00 2.44 -8.12
N THR B 173 -5.82 2.95 -7.78
CA THR B 173 -5.25 2.88 -6.45
C THR B 173 -5.71 4.07 -5.54
N ILE B 174 -5.93 3.87 -4.25
CA ILE B 174 -6.39 4.93 -3.32
C ILE B 174 -5.57 5.04 -2.03
N PHE B 175 -4.80 6.11 -1.92
CA PHE B 175 -3.99 6.29 -0.72
C PHE B 175 -4.75 7.06 0.34
N GLU B 176 -4.20 7.07 1.54
CA GLU B 176 -4.84 7.74 2.65
C GLU B 176 -3.90 7.91 3.78
N LEU B 177 -3.30 9.08 3.92
CA LEU B 177 -2.29 9.32 4.93
C LEU B 177 -2.96 10.04 6.08
N GLY B 178 -2.62 9.66 7.29
CA GLY B 178 -3.27 10.24 8.44
C GLY B 178 -2.09 10.70 9.23
N ILE B 179 -2.02 11.98 9.55
CA ILE B 179 -0.92 12.42 10.43
C ILE B 179 -1.40 12.96 11.77
N HIS B 180 -0.86 12.37 12.86
CA HIS B 180 -1.43 12.52 14.22
C HIS B 180 -0.48 13.18 15.18
N SER B 181 -0.58 14.49 15.21
CA SER B 181 0.29 15.33 15.99
C SER B 181 -0.29 15.55 17.41
N TYR B 182 0.52 15.41 18.44
CA TYR B 182 -0.01 15.35 19.81
C TYR B 182 -0.33 16.68 20.43
N ASP B 183 0.32 17.73 19.96
CA ASP B 183 -0.16 19.07 20.20
C ASP B 183 -1.63 19.17 19.70
N GLY B 184 -1.97 18.43 18.63
CA GLY B 184 -3.33 18.39 18.10
C GLY B 184 -3.45 18.82 16.64
N ALA B 185 -2.42 19.52 16.10
CA ALA B 185 -2.35 19.96 14.67
C ALA B 185 -2.50 18.79 13.66
N SER B 186 -3.72 18.21 13.70
CA SER B 186 -4.14 16.91 13.11
C SER B 186 -4.58 16.97 11.61
N TYR B 187 -3.77 16.35 10.75
CA TYR B 187 -4.08 16.19 9.33
C TYR B 187 -4.75 14.87 8.98
N ASN B 188 -5.34 14.88 7.79
CA ASN B 188 -5.95 13.68 7.26
C ASN B 188 -6.27 13.71 5.74
N VAL B 189 -5.23 13.65 4.92
CA VAL B 189 -5.39 13.60 3.47
C VAL B 189 -5.74 12.21 2.94
N THR B 190 -6.64 12.15 1.95
CA THR B 190 -6.89 10.91 1.16
C THR B 190 -6.78 11.26 -0.33
N TYR B 191 -6.01 10.49 -1.10
CA TYR B 191 -5.66 10.85 -2.46
C TYR B 191 -5.78 9.62 -3.33
N SER B 192 -6.70 9.64 -4.26
CA SER B 192 -6.95 8.46 -5.10
C SER B 192 -6.45 8.73 -6.55
N THR B 193 -6.32 7.71 -7.38
CA THR B 193 -5.69 7.90 -8.69
C THR B 193 -5.86 6.71 -9.66
N TRP B 194 -6.37 6.96 -10.87
CA TRP B 194 -6.70 5.88 -11.82
C TRP B 194 -5.45 5.32 -12.43
N GLN B 195 -5.52 4.12 -13.02
CA GLN B 195 -4.32 3.56 -13.64
C GLN B 195 -4.57 2.31 -14.42
N GLN B 196 -3.71 2.01 -15.38
CA GLN B 196 -3.90 0.79 -16.13
C GLN B 196 -3.72 -0.43 -15.25
N ASN B 197 -4.15 -1.56 -15.78
CA ASN B 197 -3.95 -2.84 -15.19
C ASN B 197 -2.44 -3.08 -15.16
N VAL B 198 -1.91 -3.41 -14.01
CA VAL B 198 -0.47 -3.42 -13.86
C VAL B 198 0.21 -4.43 -14.75
N LEU B 199 -0.58 -5.16 -15.48
CA LEU B 199 -0.05 -6.07 -16.50
C LEU B 199 0.50 -5.29 -17.66
N ASP B 200 -0.32 -4.37 -18.17
CA ASP B 200 -0.09 -3.61 -19.40
C ASP B 200 0.91 -2.48 -19.29
N VAL B 201 1.36 -2.21 -18.07
CA VAL B 201 2.24 -1.09 -17.85
C VAL B 201 3.56 -1.09 -18.69
N PRO B 202 4.10 -2.28 -19.12
CA PRO B 202 5.23 -2.23 -20.06
C PRO B 202 4.89 -1.65 -21.41
N LEU B 203 3.60 -1.64 -21.75
CA LEU B 203 3.15 -1.02 -22.97
C LEU B 203 3.32 0.48 -22.87
N ALA B 204 3.04 0.99 -21.70
CA ALA B 204 3.13 2.40 -21.47
C ALA B 204 4.54 2.98 -21.80
N LEU B 205 5.58 2.26 -21.51
CA LEU B 205 6.90 2.70 -21.95
C LEU B 205 7.12 2.63 -23.46
N GLN B 206 6.13 2.14 -24.19
CA GLN B 206 6.28 2.09 -25.61
C GLN B 206 5.52 3.23 -26.19
N ASN B 207 4.47 3.68 -25.50
CA ASN B 207 3.66 4.79 -25.97
C ASN B 207 4.36 6.08 -25.71
N THR B 208 5.55 6.21 -26.25
CA THR B 208 6.44 7.35 -26.10
C THR B 208 5.94 8.68 -26.77
N PHE B 209 5.13 8.59 -27.84
CA PHE B 209 4.43 9.71 -28.47
C PHE B 209 3.24 9.18 -29.27
N SER B 210 2.19 9.97 -29.45
CA SER B 210 0.91 9.42 -29.93
C SER B 210 1.06 8.67 -31.26
N LYS B 211 0.54 7.44 -31.41
CA LYS B 211 0.70 6.68 -32.68
C LYS B 211 0.01 7.42 -33.79
N ASP B 212 -1.17 7.87 -33.44
CA ASP B 212 -1.82 9.01 -33.99
C ASP B 212 -0.92 10.24 -34.27
N GLY B 213 -1.26 11.09 -35.20
CA GLY B 213 -0.50 12.32 -35.22
C GLY B 213 -0.83 13.14 -33.98
N MET B 214 -2.09 12.99 -33.51
CA MET B 214 -2.75 13.82 -32.46
C MET B 214 -2.05 13.66 -31.20
N CYS B 215 -2.60 14.26 -30.14
CA CYS B 215 -1.77 14.61 -29.03
C CYS B 215 -2.54 15.61 -28.15
N ILE B 216 -3.19 15.11 -27.11
CA ILE B 216 -4.24 15.88 -26.55
C ILE B 216 -3.81 16.06 -25.12
N ALA B 217 -4.22 17.16 -24.46
CA ALA B 217 -3.84 17.57 -23.09
C ALA B 217 -4.97 18.34 -22.37
N PRO B 218 -4.92 18.41 -21.01
CA PRO B 218 -5.79 19.33 -20.32
C PRO B 218 -5.43 20.74 -20.62
N PHE B 219 -6.49 21.51 -20.81
CA PHE B 219 -6.50 22.89 -21.27
C PHE B 219 -7.47 23.74 -20.42
N ARG B 220 -7.50 25.04 -20.73
CA ARG B 220 -8.19 26.03 -19.89
C ARG B 220 -9.72 25.82 -19.83
N ASP B 221 -10.29 26.17 -18.68
CA ASP B 221 -11.70 26.01 -18.49
C ASP B 221 -12.20 24.61 -18.56
N LYS B 222 -11.59 23.70 -17.78
CA LYS B 222 -12.01 22.29 -17.72
C LYS B 222 -12.20 21.71 -19.11
N SER B 223 -11.15 21.74 -19.92
CA SER B 223 -11.27 21.25 -21.30
C SER B 223 -10.03 20.46 -21.72
N LEU B 224 -10.14 19.70 -22.80
CA LEU B 224 -9.04 19.07 -23.34
C LEU B 224 -8.72 19.83 -24.60
N LEU B 225 -7.45 20.04 -24.92
CA LEU B 225 -7.08 20.64 -26.22
C LEU B 225 -6.24 19.67 -27.00
N ALA B 226 -6.49 19.48 -28.28
CA ALA B 226 -5.65 18.54 -29.08
C ALA B 226 -4.91 19.27 -30.16
N SER B 227 -3.61 19.06 -30.18
CA SER B 227 -2.82 19.67 -31.24
C SER B 227 -2.10 18.62 -32.08
N ASP B 228 -1.67 19.01 -33.27
CA ASP B 228 -0.82 18.15 -34.04
C ASP B 228 0.55 18.02 -33.38
N LEU B 229 1.23 16.91 -33.66
CA LEU B 229 2.57 16.61 -33.13
C LEU B 229 3.74 17.39 -33.80
N ASP B 230 3.71 17.42 -35.14
CA ASP B 230 4.74 18.03 -35.98
C ASP B 230 5.08 19.38 -35.47
N PHE B 231 4.11 20.29 -35.63
CA PHE B 231 4.26 21.72 -35.25
C PHE B 231 3.15 22.19 -34.37
N ARG B 232 3.02 21.57 -33.21
CA ARG B 232 2.16 22.04 -32.13
C ARG B 232 1.07 23.04 -32.46
N ILE B 233 0.02 22.65 -33.22
CA ILE B 233 -1.08 23.56 -33.58
C ILE B 233 -2.42 22.97 -33.26
N ALA B 234 -3.21 23.76 -32.54
CA ALA B 234 -4.55 23.39 -32.11
C ALA B 234 -5.41 22.80 -33.25
N ARG B 235 -5.95 21.62 -32.97
CA ARG B 235 -6.87 20.98 -33.90
C ARG B 235 -8.25 20.89 -33.34
N TRP B 236 -8.35 20.41 -32.12
CA TRP B 236 -9.67 20.50 -31.58
C TRP B 236 -9.62 20.90 -30.14
N VAL B 237 -10.72 21.57 -29.68
CA VAL B 237 -10.96 21.81 -28.21
C VAL B 237 -12.21 21.09 -27.73
N SER B 238 -12.15 20.46 -26.57
CA SER B 238 -13.32 19.74 -26.12
C SER B 238 -14.39 20.64 -25.42
N PRO B 239 -15.58 20.09 -25.15
CA PRO B 239 -16.48 20.90 -24.35
C PRO B 239 -16.07 20.83 -22.90
N THR B 240 -16.92 21.31 -22.00
CA THR B 240 -16.45 21.40 -20.64
C THR B 240 -16.67 20.15 -19.83
N PHE B 241 -15.73 19.84 -18.92
CA PHE B 241 -15.89 18.75 -18.01
C PHE B 241 -16.15 19.31 -16.63
N PRO B 242 -17.00 18.64 -15.84
CA PRO B 242 -17.36 19.04 -14.49
C PRO B 242 -16.20 19.39 -13.67
N GLY B 243 -15.02 19.05 -14.11
CA GLY B 243 -13.87 19.56 -13.36
C GLY B 243 -12.57 19.39 -14.11
N ILE B 244 -11.48 20.01 -13.62
CA ILE B 244 -10.31 20.01 -14.52
C ILE B 244 -9.73 18.60 -14.82
N ILE B 245 -9.43 18.35 -16.08
CA ILE B 245 -8.94 16.99 -16.46
C ILE B 245 -7.49 16.72 -16.14
N VAL B 246 -7.31 15.74 -15.30
CA VAL B 246 -6.01 15.56 -14.74
C VAL B 246 -5.46 14.15 -15.08
N GLY B 247 -6.30 13.29 -15.66
CA GLY B 247 -5.89 11.90 -16.03
C GLY B 247 -6.32 11.52 -17.45
N LEU B 248 -5.38 10.95 -18.22
CA LEU B 248 -5.69 10.75 -19.63
C LEU B 248 -5.28 9.40 -20.28
N PHE B 249 -6.21 8.65 -20.86
CA PHE B 249 -5.81 7.34 -21.39
C PHE B 249 -6.16 7.05 -22.82
N ASP B 250 -5.17 6.54 -23.54
CA ASP B 250 -5.30 6.06 -24.90
C ASP B 250 -5.92 4.69 -24.73
N VAL B 251 -6.74 4.22 -25.67
CA VAL B 251 -7.18 2.80 -25.60
C VAL B 251 -6.84 2.00 -26.88
N PHE B 252 -6.12 0.89 -26.76
CA PHE B 252 -5.74 0.18 -27.95
C PHE B 252 -6.58 -1.08 -28.16
N ASN B 253 -6.57 -1.66 -29.36
CA ASN B 253 -7.35 -2.83 -29.65
C ASN B 253 -6.41 -3.89 -30.04
N ASP B 254 -6.40 -5.00 -29.33
CA ASP B 254 -5.79 -6.24 -29.83
C ASP B 254 -6.72 -6.89 -30.83
N LEU B 255 -6.37 -6.86 -32.11
CA LEU B 255 -7.30 -7.30 -33.11
C LEU B 255 -7.44 -8.82 -33.14
N ARG B 256 -6.38 -9.55 -32.79
CA ARG B 256 -6.51 -11.00 -32.58
C ARG B 256 -7.55 -11.24 -31.47
N THR B 257 -7.08 -11.25 -30.21
CA THR B 257 -7.95 -11.47 -29.02
C THR B 257 -9.16 -10.52 -28.87
N ASN B 258 -9.17 -9.42 -29.60
CA ASN B 258 -10.31 -8.51 -29.55
C ASN B 258 -10.54 -7.89 -28.13
N GLU B 259 -9.49 -7.40 -27.49
CA GLU B 259 -9.59 -6.82 -26.15
C GLU B 259 -9.48 -5.33 -26.23
N ASN B 260 -9.88 -4.67 -25.15
CA ASN B 260 -9.68 -3.24 -25.09
C ASN B 260 -8.61 -2.93 -24.06
N ILE B 261 -7.35 -3.09 -24.40
CA ILE B 261 -6.33 -2.71 -23.46
C ILE B 261 -6.05 -1.17 -23.46
N LEU B 262 -5.87 -0.61 -22.27
CA LEU B 262 -5.69 0.84 -22.17
C LEU B 262 -4.39 1.26 -21.56
N VAL B 263 -3.84 2.32 -22.11
CA VAL B 263 -2.51 2.80 -21.78
C VAL B 263 -2.52 4.35 -21.66
N PRO B 264 -1.65 4.92 -20.81
CA PRO B 264 -1.75 6.32 -20.60
C PRO B 264 -1.34 7.04 -21.80
N HIS B 265 -1.93 8.21 -22.05
CA HIS B 265 -1.57 9.03 -23.20
C HIS B 265 -0.21 9.64 -22.93
N PRO B 266 0.70 9.74 -23.90
CA PRO B 266 2.08 10.11 -23.61
C PRO B 266 2.16 11.54 -23.21
N PHE B 267 3.31 12.16 -23.01
CA PHE B 267 3.21 13.64 -22.96
C PHE B 267 4.36 14.45 -23.52
N ASN B 268 4.03 15.54 -24.25
CA ASN B 268 4.99 16.30 -25.08
C ASN B 268 6.22 16.77 -24.29
N PRO B 269 7.32 17.11 -24.99
CA PRO B 269 8.54 17.57 -24.32
C PRO B 269 8.59 19.09 -24.42
N ASN B 278 9.11 26.33 -13.74
CA ASN B 278 8.88 25.94 -12.30
C ASN B 278 7.68 26.65 -11.62
N LYS B 279 6.74 27.10 -12.42
CA LYS B 279 5.51 27.62 -11.87
C LYS B 279 4.43 26.56 -11.67
N VAL B 280 3.68 26.64 -10.58
CA VAL B 280 2.50 25.79 -10.44
C VAL B 280 1.17 26.53 -10.30
N TYR B 281 0.13 25.88 -10.74
CA TYR B 281 -1.17 26.46 -10.73
C TYR B 281 -2.02 25.87 -9.63
N LEU B 282 -2.68 26.73 -8.83
CA LEU B 282 -3.48 26.26 -7.65
C LEU B 282 -4.92 26.51 -7.88
N ASP B 283 -5.75 25.74 -7.17
CA ASP B 283 -7.20 25.78 -7.36
C ASP B 283 -7.71 24.82 -6.39
N GLN B 284 -9.02 24.84 -6.18
CA GLN B 284 -9.60 23.94 -5.18
C GLN B 284 -10.74 23.08 -5.66
N THR B 285 -10.92 21.91 -5.06
CA THR B 285 -12.00 21.02 -5.56
C THR B 285 -13.24 21.48 -4.90
N SER B 286 -14.32 20.77 -5.18
CA SER B 286 -15.61 21.21 -4.74
C SER B 286 -15.69 21.07 -3.22
N ASN B 287 -15.15 19.98 -2.68
CA ASN B 287 -15.11 19.85 -1.22
C ASN B 287 -14.08 20.82 -0.58
N LEU B 288 -13.58 21.75 -1.38
CA LEU B 288 -12.75 22.83 -0.83
C LEU B 288 -11.30 22.46 -0.56
N SER B 289 -10.87 21.28 -1.01
CA SER B 289 -9.45 20.94 -0.84
C SER B 289 -8.63 21.61 -1.92
N TRP B 290 -7.47 22.10 -1.49
CA TRP B 290 -6.56 22.76 -2.46
C TRP B 290 -5.76 21.78 -3.30
N PHE B 291 -5.63 22.03 -4.60
CA PHE B 291 -4.72 21.16 -5.32
C PHE B 291 -3.85 21.90 -6.34
N ALA B 292 -2.69 21.31 -6.61
CA ALA B 292 -1.70 21.94 -7.47
C ALA B 292 -1.65 21.21 -8.82
N LEU B 293 -1.22 21.91 -9.89
CA LEU B 293 -0.86 21.30 -11.17
C LEU B 293 0.42 21.93 -11.58
N SER B 294 1.54 21.20 -11.44
CA SER B 294 2.91 21.63 -11.82
C SER B 294 3.00 21.81 -13.31
N SER B 295 3.88 22.67 -13.74
CA SER B 295 4.05 22.78 -15.20
C SER B 295 4.71 21.54 -15.83
N GLN B 296 5.34 20.72 -14.98
CA GLN B 296 6.01 19.56 -15.44
C GLN B 296 4.87 18.77 -15.95
N ASN B 297 3.85 18.63 -15.14
CA ASN B 297 2.80 17.74 -15.57
C ASN B 297 1.72 18.41 -16.36
N PHE B 298 1.59 19.72 -16.23
CA PHE B 298 0.47 20.34 -16.91
C PHE B 298 0.87 21.61 -17.64
N PRO B 299 1.94 21.52 -18.46
CA PRO B 299 2.61 22.68 -19.00
C PRO B 299 1.54 23.47 -19.72
N SER B 300 0.73 22.72 -20.43
CA SER B 300 -0.14 23.34 -21.39
C SER B 300 -1.24 24.24 -20.73
N LEU B 301 -1.86 23.70 -19.67
CA LEU B 301 -2.77 24.41 -18.80
C LEU B 301 -2.09 25.55 -18.07
N VAL B 302 -1.04 25.27 -17.29
CA VAL B 302 -0.37 26.29 -16.51
C VAL B 302 0.11 27.49 -17.35
N GLU B 303 0.29 27.29 -18.64
CA GLU B 303 0.70 28.42 -19.46
C GLU B 303 -0.51 29.23 -19.89
N SER B 304 -1.62 28.57 -20.13
CA SER B 304 -2.88 29.29 -20.38
C SER B 304 -3.57 29.87 -19.07
N ALA B 305 -2.86 29.87 -17.95
CA ALA B 305 -3.53 30.17 -16.70
C ALA B 305 -3.07 31.53 -16.25
N PRO B 306 -3.97 32.27 -15.56
CA PRO B 306 -3.77 33.67 -15.10
C PRO B 306 -2.80 33.69 -13.93
N ILE B 307 -1.88 34.69 -13.82
CA ILE B 307 -1.03 34.79 -12.59
C ILE B 307 -1.84 35.07 -11.34
N SER B 308 -1.75 34.17 -10.34
CA SER B 308 -2.49 34.33 -9.08
C SER B 308 -2.25 35.71 -8.48
N ARG B 309 -3.31 36.24 -7.90
CA ARG B 309 -3.32 37.55 -7.30
C ARG B 309 -2.25 37.76 -6.22
N TYR B 310 -2.11 36.78 -5.34
CA TYR B 310 -1.08 36.76 -4.33
C TYR B 310 0.28 36.90 -4.94
N ALA B 311 0.51 36.18 -6.01
CA ALA B 311 1.75 36.29 -6.68
C ALA B 311 1.93 37.75 -7.12
N SER B 312 0.87 38.45 -7.46
CA SER B 312 1.07 39.72 -8.16
C SER B 312 1.22 40.92 -7.31
N SER B 313 0.37 41.09 -6.33
CA SER B 313 0.34 42.32 -5.56
C SER B 313 0.31 42.02 -4.13
N ASP B 314 1.08 42.78 -3.37
CA ASP B 314 1.08 42.62 -1.90
C ASP B 314 -0.16 43.14 -1.27
N ARG B 315 -0.91 43.96 -1.93
CA ARG B 315 -2.18 44.28 -1.35
C ARG B 315 -3.05 43.02 -1.22
N TRP B 316 -2.51 41.88 -1.64
CA TRP B 316 -3.12 40.55 -1.48
C TRP B 316 -2.33 39.61 -0.53
N ARG B 317 -1.23 40.09 0.04
CA ARG B 317 -0.45 39.24 0.90
C ARG B 317 -0.48 39.78 2.30
N VAL B 318 -1.49 40.56 2.63
CA VAL B 318 -1.60 41.21 3.90
C VAL B 318 -2.47 40.31 4.68
N SER B 319 -2.34 40.40 5.98
CA SER B 319 -2.94 39.40 6.80
C SER B 319 -4.47 39.30 6.80
N SER B 320 -5.12 40.44 6.92
CA SER B 320 -6.60 40.51 6.84
C SER B 320 -7.21 39.51 5.84
N ILE B 321 -6.44 39.24 4.77
CA ILE B 321 -6.89 38.46 3.65
C ILE B 321 -7.08 37.00 3.97
N PHE B 322 -6.26 36.44 4.84
CA PHE B 322 -6.25 35.01 5.08
C PHE B 322 -7.08 34.69 6.26
N GLU B 323 -7.64 35.73 6.84
CA GLU B 323 -8.66 35.61 7.86
C GLU B 323 -10.02 35.25 7.26
N ASP B 324 -10.24 35.48 5.98
CA ASP B 324 -11.55 35.24 5.39
C ASP B 324 -11.38 34.18 4.34
N GLU B 325 -12.28 33.23 4.31
CA GLU B 325 -12.14 32.08 3.44
C GLU B 325 -12.14 32.50 1.98
N THR B 326 -13.17 33.25 1.63
CA THR B 326 -13.35 33.68 0.25
C THR B 326 -12.20 34.56 -0.24
N LEU B 327 -11.72 35.49 0.59
CA LEU B 327 -10.55 36.35 0.26
C LEU B 327 -9.28 35.54 0.00
N PHE B 328 -9.09 34.56 0.85
CA PHE B 328 -7.94 33.67 0.83
C PHE B 328 -7.90 32.98 -0.53
N LYS B 329 -9.08 32.45 -0.86
CA LYS B 329 -9.25 31.57 -1.99
C LYS B 329 -8.87 32.37 -3.19
N ASN B 330 -9.48 33.53 -3.24
CA ASN B 330 -9.27 34.47 -4.34
C ASN B 330 -7.83 34.93 -4.45
N ALA B 331 -7.15 34.93 -3.32
CA ALA B 331 -5.81 35.41 -3.30
C ALA B 331 -4.89 34.41 -3.98
N ILE B 332 -4.89 33.18 -3.50
CA ILE B 332 -3.93 32.18 -4.01
C ILE B 332 -4.36 31.38 -5.24
N MET B 333 -5.62 31.44 -5.59
CA MET B 333 -5.99 30.71 -6.75
C MET B 333 -5.27 31.26 -7.97
N GLY B 334 -4.90 30.40 -8.90
CA GLY B 334 -4.09 30.83 -10.06
C GLY B 334 -2.66 30.33 -10.00
N VAL B 335 -1.82 30.85 -10.88
CA VAL B 335 -0.43 30.37 -10.87
C VAL B 335 0.58 31.13 -10.00
N HIS B 336 1.27 30.39 -9.15
CA HIS B 336 2.44 30.88 -8.42
C HIS B 336 3.66 30.31 -9.05
N GLN B 337 4.80 30.78 -8.57
CA GLN B 337 6.08 30.30 -9.04
C GLN B 337 7.10 29.84 -7.98
N ILE B 338 7.03 28.63 -7.43
CA ILE B 338 8.04 28.14 -6.47
C ILE B 338 9.53 28.43 -6.81
N TYR B 339 10.33 28.72 -5.77
CA TYR B 339 11.74 29.20 -5.90
C TYR B 339 12.90 28.35 -5.30
N VAL C 1 2.40 5.75 -42.31
CA VAL C 1 2.17 7.05 -41.64
C VAL C 1 3.59 7.58 -41.41
N VAL C 2 4.03 8.70 -42.04
CA VAL C 2 5.39 9.27 -41.69
C VAL C 2 5.42 10.23 -40.47
N VAL C 3 4.31 10.34 -39.71
CA VAL C 3 4.28 11.20 -38.49
C VAL C 3 5.68 11.68 -38.12
N VAL C 4 6.00 12.96 -38.33
CA VAL C 4 7.26 13.45 -37.75
C VAL C 4 7.06 13.92 -36.25
N VAL C 5 8.15 14.15 -35.49
CA VAL C 5 8.00 14.44 -34.03
C VAL C 5 9.00 15.43 -33.50
N VAL C 6 8.50 16.46 -32.80
CA VAL C 6 9.23 17.58 -32.23
C VAL C 6 10.72 17.28 -31.97
N VAL C 7 11.58 18.15 -32.49
CA VAL C 7 13.05 18.08 -32.43
C VAL C 7 13.65 17.92 -30.99
N VAL C 8 14.95 17.54 -30.91
CA VAL C 8 15.61 16.99 -29.70
C VAL C 8 16.27 18.10 -28.78
#